data_9H9W
#
_entry.id   9H9W
#
_cell.length_a   104.219
_cell.length_b   34.955
_cell.length_c   66.450
_cell.angle_alpha   90.00
_cell.angle_beta   97.05
_cell.angle_gamma   90.00
#
_symmetry.space_group_name_H-M   'C 1 2 1'
#
loop_
_entity.id
_entity.type
_entity.pdbx_description
1 polymer 'Transcriptional regulator, PadR-like family'
2 non-polymer 2-[3-(2-HYDROXY-1,1-DIHYDROXYMETHYL-ETHYLAMINO)-PROPYLAMINO]-2-HYDROXYMETHYL-PROPANE-1,3-DIOL
3 water water
#
_entity_poly.entity_id   1
_entity_poly.type   'polypeptide(L)'
_entity_poly.pdbx_seq_one_letter_code
;GAEIPKEMLRAQTN(BP5)ILLNVLKQGDNYVYGIIKQVKEASNGEMELNEATLYTIFKRLEKDGIISSYWGDESQGGRR
KYYRLTEIGHENMRLAFESWSRVDKIIENLEANKKSEAIKSRGGSGGWSHPQFEK
;
_entity_poly.pdbx_strand_id   A,B
#
# COMPACT_ATOMS: atom_id res chain seq x y z
N GLU A 3 -0.24 5.22 15.71
CA GLU A 3 0.79 4.29 15.28
C GLU A 3 0.60 3.92 13.81
N ILE A 4 1.69 3.51 13.16
CA ILE A 4 1.65 2.96 11.81
C ILE A 4 1.52 1.44 11.90
N PRO A 5 0.46 0.83 11.40
CA PRO A 5 0.32 -0.62 11.51
C PRO A 5 1.47 -1.35 10.84
N LYS A 6 1.77 -2.54 11.35
CA LYS A 6 2.85 -3.34 10.76
C LYS A 6 2.51 -3.75 9.34
N GLU A 7 1.24 -4.02 9.06
CA GLU A 7 0.83 -4.32 7.70
C GLU A 7 1.24 -3.21 6.74
N MET A 8 1.05 -1.96 7.16
CA MET A 8 1.37 -0.82 6.29
C MET A 8 2.87 -0.65 6.12
N LEU A 9 3.64 -0.87 7.18
CA LEU A 9 5.08 -0.86 7.03
C LEU A 9 5.53 -1.90 6.01
N ARG A 10 5.07 -3.14 6.17
CA ARG A 10 5.41 -4.19 5.22
C ARG A 10 5.10 -3.77 3.78
N ALA A 11 3.88 -3.24 3.57
CA ALA A 11 3.49 -2.87 2.21
C ALA A 11 4.40 -1.79 1.64
N GLN A 12 4.74 -0.79 2.44
CA GLN A 12 5.62 0.28 1.97
C GLN A 12 7.00 -0.26 1.62
N THR A 13 7.54 -1.14 2.49
CA THR A 13 8.87 -1.71 2.22
C THR A 13 8.85 -2.51 0.93
N ASN A 14 7.80 -3.30 0.72
CA ASN A 14 7.64 -4.06 -0.51
C ASN A 14 7.61 -3.15 -1.73
N ILE A 16 8.82 -0.08 -2.13
CA ILE A 16 10.14 0.47 -2.35
C ILE A 16 11.03 -0.58 -3.03
N LEU A 17 11.12 -1.79 -2.47
CA LEU A 17 11.99 -2.81 -3.04
C LEU A 17 11.65 -3.10 -4.50
N LEU A 18 10.37 -3.28 -4.78
CA LEU A 18 9.98 -3.64 -6.14
C LEU A 18 10.30 -2.50 -7.10
N ASN A 19 10.16 -1.24 -6.67
CA ASN A 19 10.55 -0.14 -7.56
C ASN A 19 12.06 -0.09 -7.76
N VAL A 20 12.82 -0.42 -6.73
CA VAL A 20 14.27 -0.51 -6.90
C VAL A 20 14.58 -1.48 -8.02
N LEU A 21 14.02 -2.68 -7.93
CA LEU A 21 14.26 -3.70 -8.95
C LEU A 21 13.71 -3.29 -10.31
N LYS A 22 12.58 -2.56 -10.33
CA LYS A 22 12.03 -2.10 -11.61
C LYS A 22 13.05 -1.22 -12.32
N GLN A 23 13.79 -0.41 -11.56
CA GLN A 23 14.82 0.42 -12.18
C GLN A 23 15.95 -0.43 -12.74
N GLY A 24 16.32 -1.50 -12.04
CA GLY A 24 17.29 -2.46 -12.60
C GLY A 24 17.56 -3.67 -11.72
N ASP A 25 17.89 -4.81 -12.34
CA ASP A 25 18.38 -5.93 -11.55
C ASP A 25 19.45 -5.42 -10.58
N ASN A 26 19.41 -5.89 -9.33
CA ASN A 26 20.33 -5.37 -8.35
C ASN A 26 20.62 -6.45 -7.33
N TYR A 27 21.59 -6.18 -6.45
CA TYR A 27 21.94 -7.09 -5.37
C TYR A 27 21.69 -6.43 -4.01
N VAL A 28 21.70 -7.27 -2.96
CA VAL A 28 21.18 -6.87 -1.65
C VAL A 28 21.87 -5.61 -1.14
N TYR A 29 23.20 -5.65 -1.04
CA TYR A 29 23.93 -4.51 -0.51
C TYR A 29 23.76 -3.27 -1.38
N GLY A 30 23.73 -3.44 -2.70
CA GLY A 30 23.48 -2.32 -3.58
C GLY A 30 22.08 -1.75 -3.45
N ILE A 31 21.09 -2.60 -3.16
CA ILE A 31 19.74 -2.12 -2.90
C ILE A 31 19.73 -1.29 -1.62
N ILE A 32 20.38 -1.77 -0.58
CA ILE A 32 20.35 -1.06 0.69
C ILE A 32 21.06 0.30 0.54
N LYS A 33 22.20 0.34 -0.16
CA LYS A 33 22.82 1.63 -0.41
C LYS A 33 21.88 2.57 -1.14
N GLN A 34 21.26 2.09 -2.23
CA GLN A 34 20.38 2.98 -2.99
C GLN A 34 19.24 3.48 -2.14
N VAL A 35 18.71 2.64 -1.26
CA VAL A 35 17.56 3.07 -0.49
C VAL A 35 18.00 4.05 0.59
N LYS A 36 19.18 3.84 1.18
CA LYS A 36 19.68 4.83 2.12
C LYS A 36 19.87 6.17 1.42
N GLU A 37 20.38 6.15 0.19
CA GLU A 37 20.60 7.40 -0.52
C GLU A 37 19.27 8.09 -0.87
N ALA A 38 18.32 7.36 -1.42
CA ALA A 38 17.05 7.98 -1.76
C ALA A 38 16.34 8.52 -0.52
N SER A 39 16.40 7.78 0.59
CA SER A 39 15.79 8.22 1.84
C SER A 39 16.65 9.22 2.61
N ASN A 40 17.74 9.69 2.03
CA ASN A 40 18.62 10.65 2.70
C ASN A 40 18.92 10.22 4.14
N GLY A 41 19.05 8.90 4.33
CA GLY A 41 19.51 8.32 5.57
C GLY A 41 18.41 7.88 6.51
N GLU A 42 17.16 8.22 6.20
CA GLU A 42 16.03 7.81 7.03
C GLU A 42 15.84 6.30 7.01
N MET A 43 15.73 5.72 5.84
CA MET A 43 15.38 4.32 5.68
C MET A 43 16.67 3.56 5.42
N GLU A 44 17.23 2.95 6.45
CA GLU A 44 18.43 2.11 6.33
C GLU A 44 18.02 0.66 6.59
N LEU A 45 17.94 -0.12 5.52
CA LEU A 45 17.41 -1.48 5.60
C LEU A 45 18.44 -2.51 6.05
N ASN A 46 17.94 -3.56 6.66
CA ASN A 46 18.77 -4.65 7.17
C ASN A 46 18.85 -5.80 6.17
N GLU A 47 20.07 -6.27 5.91
CA GLU A 47 20.26 -7.39 4.99
C GLU A 47 19.29 -8.53 5.27
N ALA A 48 19.19 -8.96 6.54
CA ALA A 48 18.31 -10.08 6.90
C ALA A 48 16.87 -9.79 6.51
N THR A 49 16.45 -8.52 6.61
CA THR A 49 15.10 -8.13 6.21
C THR A 49 14.88 -8.39 4.73
N LEU A 50 15.85 -7.98 3.92
CA LEU A 50 15.71 -8.14 2.49
C LEU A 50 15.65 -9.61 2.13
N TYR A 51 16.48 -10.45 2.76
CA TYR A 51 16.41 -11.89 2.46
C TYR A 51 15.05 -12.46 2.83
N THR A 52 14.46 -11.96 3.92
CA THR A 52 13.15 -12.46 4.30
C THR A 52 12.13 -12.12 3.23
N ILE A 53 12.09 -10.86 2.79
CA ILE A 53 11.12 -10.44 1.78
C ILE A 53 11.41 -11.08 0.43
N PHE A 54 12.68 -11.20 0.06
CA PHE A 54 13.04 -11.77 -1.24
C PHE A 54 12.71 -13.24 -1.33
N LYS A 55 12.85 -14.01 -0.25
CA LYS A 55 12.46 -15.42 -0.29
C LYS A 55 10.99 -15.61 -0.60
N ARG A 56 10.12 -14.82 0.05
CA ARG A 56 8.69 -14.86 -0.24
C ARG A 56 8.40 -14.38 -1.67
N LEU A 57 9.02 -13.28 -2.09
CA LEU A 57 8.76 -12.78 -3.43
C LEU A 57 9.19 -13.79 -4.50
N GLU A 58 10.37 -14.38 -4.31
CA GLU A 58 10.86 -15.42 -5.21
C GLU A 58 9.93 -16.63 -5.19
N LYS A 59 9.51 -17.06 -4.00
CA LYS A 59 8.53 -18.15 -3.88
C LYS A 59 7.28 -17.87 -4.70
N ASP A 60 6.78 -16.64 -4.64
CA ASP A 60 5.60 -16.22 -5.39
C ASP A 60 5.92 -15.81 -6.83
N GLY A 61 7.12 -16.12 -7.33
CA GLY A 61 7.43 -15.86 -8.72
C GLY A 61 7.35 -14.41 -9.13
N ILE A 62 7.49 -13.48 -8.19
CA ILE A 62 7.54 -12.07 -8.56
C ILE A 62 8.95 -11.60 -8.88
N ILE A 63 9.96 -12.24 -8.28
CA ILE A 63 11.34 -11.98 -8.64
C ILE A 63 12.02 -13.33 -8.83
N SER A 64 13.21 -13.27 -9.43
CA SER A 64 14.08 -14.43 -9.56
C SER A 64 15.50 -13.97 -9.27
N SER A 65 16.43 -14.90 -9.14
CA SER A 65 17.81 -14.56 -8.80
C SER A 65 18.76 -15.31 -9.72
N TYR A 66 19.96 -14.75 -9.86
CA TYR A 66 21.03 -15.35 -10.67
C TYR A 66 22.37 -14.75 -10.22
N TRP A 67 23.46 -15.39 -10.64
CA TRP A 67 24.78 -15.04 -10.11
C TRP A 67 25.42 -14.06 -11.09
N GLY A 68 26.17 -13.11 -10.56
CA GLY A 68 26.78 -12.08 -11.38
C GLY A 68 28.20 -11.79 -10.95
N ASP A 69 29.01 -11.35 -11.94
CA ASP A 69 30.41 -10.94 -11.80
C ASP A 69 31.35 -12.13 -11.63
N GLY A 73 33.85 -9.66 -8.82
CA GLY A 73 33.79 -10.45 -7.61
C GLY A 73 33.44 -11.91 -7.86
N GLY A 74 32.38 -12.15 -8.62
CA GLY A 74 31.94 -13.51 -8.86
C GLY A 74 31.12 -14.05 -7.70
N ARG A 75 29.90 -14.52 -8.01
CA ARG A 75 28.94 -15.02 -7.01
C ARG A 75 28.29 -13.88 -6.22
N ARG A 76 27.96 -12.76 -6.88
CA ARG A 76 27.00 -11.83 -6.28
C ARG A 76 25.60 -12.29 -6.67
N LYS A 77 24.70 -12.38 -5.69
CA LYS A 77 23.34 -12.82 -6.01
C LYS A 77 22.60 -11.58 -6.49
N TYR A 78 22.29 -11.53 -7.78
CA TYR A 78 21.49 -10.46 -8.33
C TYR A 78 20.06 -10.93 -8.37
N TYR A 79 19.14 -9.99 -8.25
CA TYR A 79 17.71 -10.24 -8.27
C TYR A 79 17.06 -9.40 -9.36
N ARG A 80 16.19 -10.05 -10.13
CA ARG A 80 15.46 -9.41 -11.21
C ARG A 80 13.96 -9.54 -11.00
N LEU A 81 13.22 -8.61 -11.61
CA LEU A 81 11.77 -8.59 -11.58
C LEU A 81 11.27 -9.49 -12.73
N THR A 82 10.48 -10.49 -12.40
CA THR A 82 9.98 -11.38 -13.42
C THR A 82 8.89 -10.70 -14.24
N GLU A 83 8.50 -11.34 -15.33
CA GLU A 83 7.41 -10.82 -16.12
C GLU A 83 6.17 -10.63 -15.23
N ILE A 84 5.87 -11.64 -14.42
CA ILE A 84 4.75 -11.58 -13.49
C ILE A 84 4.91 -10.42 -12.51
N GLY A 85 6.15 -10.16 -12.07
CA GLY A 85 6.38 -9.03 -11.18
C GLY A 85 6.04 -7.70 -11.83
N HIS A 86 6.43 -7.53 -13.09
CA HIS A 86 6.11 -6.29 -13.78
C HIS A 86 4.60 -6.15 -13.93
N GLU A 87 3.92 -7.26 -14.21
CA GLU A 87 2.48 -7.18 -14.38
C GLU A 87 1.80 -6.82 -13.07
N ASN A 88 2.25 -7.42 -11.96
CA ASN A 88 1.62 -7.14 -10.68
C ASN A 88 1.88 -5.69 -10.30
N MET A 89 3.08 -5.18 -10.60
CA MET A 89 3.32 -3.76 -10.33
C MET A 89 2.40 -2.89 -11.19
N ARG A 90 2.14 -3.32 -12.41
CA ARG A 90 1.26 -2.51 -13.26
C ARG A 90 -0.17 -2.51 -12.72
N LEU A 91 -0.72 -3.71 -12.42
CA LEU A 91 -2.09 -3.80 -11.91
C LEU A 91 -2.23 -3.04 -10.59
N ALA A 92 -1.20 -3.10 -9.74
CA ALA A 92 -1.22 -2.37 -8.49
C ALA A 92 -1.31 -0.87 -8.74
N PHE A 93 -0.37 -0.34 -9.53
CA PHE A 93 -0.42 1.09 -9.85
C PHE A 93 -1.77 1.48 -10.44
N GLU A 94 -2.34 0.60 -11.27
CA GLU A 94 -3.64 0.91 -11.83
C GLU A 94 -4.71 1.02 -10.74
N SER A 95 -4.90 -0.07 -9.98
N SER A 95 -4.90 -0.07 -9.98
CA SER A 95 -5.96 -0.11 -8.98
CA SER A 95 -5.96 -0.12 -8.99
C SER A 95 -5.84 1.03 -7.98
C SER A 95 -5.85 1.02 -7.99
N TRP A 96 -4.61 1.37 -7.59
CA TRP A 96 -4.42 2.46 -6.62
C TRP A 96 -4.73 3.82 -7.22
N SER A 97 -4.43 4.04 -8.51
CA SER A 97 -4.86 5.30 -9.11
C SER A 97 -6.40 5.33 -9.26
N ARG A 98 -7.01 4.20 -9.58
CA ARG A 98 -8.48 4.15 -9.54
C ARG A 98 -9.00 4.57 -8.17
N VAL A 99 -8.38 4.08 -7.11
CA VAL A 99 -8.87 4.37 -5.76
C VAL A 99 -8.75 5.87 -5.47
N ASP A 100 -7.59 6.47 -5.77
CA ASP A 100 -7.42 7.90 -5.52
C ASP A 100 -8.44 8.73 -6.29
N LYS A 101 -8.78 8.32 -7.53
CA LYS A 101 -9.85 9.02 -8.25
C LYS A 101 -11.19 8.84 -7.52
N ILE A 102 -11.51 7.60 -7.14
CA ILE A 102 -12.74 7.33 -6.39
C ILE A 102 -12.85 8.31 -5.25
N ILE A 103 -11.73 8.61 -4.60
CA ILE A 103 -11.81 9.41 -3.40
C ILE A 103 -11.99 10.90 -3.71
N GLU A 104 -11.30 11.39 -4.75
CA GLU A 104 -11.60 12.75 -5.17
C GLU A 104 -13.10 12.87 -5.45
N ASN A 105 -13.68 11.84 -6.05
CA ASN A 105 -15.09 11.87 -6.40
C ASN A 105 -15.97 11.90 -5.16
N LEU A 106 -15.61 11.09 -4.16
CA LEU A 106 -16.33 11.11 -2.90
C LEU A 106 -16.41 12.52 -2.33
N GLU A 107 -15.28 13.22 -2.33
CA GLU A 107 -15.32 14.61 -1.90
C GLU A 107 -16.24 15.45 -2.78
N ALA A 108 -16.06 15.36 -4.11
CA ALA A 108 -16.84 16.19 -5.03
C ALA A 108 -18.32 16.12 -4.70
N ASN A 109 -18.83 14.92 -4.47
CA ASN A 109 -20.22 14.76 -4.07
C ASN A 109 -20.48 15.47 -2.74
N ALA B 2 -0.35 -11.30 -12.62
CA ALA B 2 -0.90 -12.51 -12.05
C ALA B 2 -2.10 -12.19 -11.17
N GLU B 3 -1.96 -11.20 -10.29
CA GLU B 3 -3.06 -10.83 -9.40
C GLU B 3 -2.71 -9.58 -8.61
N ILE B 4 -3.75 -8.92 -8.10
CA ILE B 4 -3.63 -7.92 -7.06
C ILE B 4 -3.77 -8.65 -5.72
N PRO B 5 -2.76 -8.69 -4.88
CA PRO B 5 -2.87 -9.49 -3.65
C PRO B 5 -4.02 -9.05 -2.76
N LYS B 6 -4.58 -10.02 -2.04
CA LYS B 6 -5.71 -9.71 -1.18
C LYS B 6 -5.31 -8.71 -0.10
N GLU B 7 -4.09 -8.80 0.41
CA GLU B 7 -3.66 -7.79 1.37
C GLU B 7 -3.85 -6.40 0.78
N MET B 8 -3.52 -6.23 -0.51
CA MET B 8 -3.66 -4.93 -1.20
C MET B 8 -5.12 -4.58 -1.45
N LEU B 9 -5.94 -5.57 -1.79
CA LEU B 9 -7.38 -5.29 -1.86
C LEU B 9 -7.90 -4.78 -0.52
N ARG B 10 -7.60 -5.52 0.57
CA ARG B 10 -7.99 -5.11 1.90
C ARG B 10 -7.53 -3.69 2.17
N ALA B 11 -6.27 -3.40 1.84
CA ALA B 11 -5.71 -2.07 2.09
C ALA B 11 -6.46 -0.98 1.32
N GLN B 12 -6.79 -1.25 0.05
CA GLN B 12 -7.53 -0.27 -0.74
C GLN B 12 -8.92 -0.05 -0.15
N THR B 13 -9.60 -1.12 0.22
CA THR B 13 -10.93 -1.01 0.80
C THR B 13 -10.88 -0.26 2.14
N ASN B 14 -9.89 -0.56 2.97
CA ASN B 14 -9.71 0.16 4.24
C ASN B 14 -9.47 1.64 4.02
N ILE B 16 -10.31 3.52 1.41
CA ILE B 16 -11.55 4.16 0.93
C ILE B 16 -12.54 4.35 2.09
N LEU B 17 -12.82 3.28 2.82
CA LEU B 17 -13.77 3.35 3.92
C LEU B 17 -13.37 4.41 4.92
N LEU B 18 -12.09 4.48 5.28
CA LEU B 18 -11.68 5.44 6.29
C LEU B 18 -11.86 6.87 5.79
N ASN B 19 -11.59 7.12 4.51
CA ASN B 19 -11.80 8.47 4.01
C ASN B 19 -13.28 8.83 3.98
N VAL B 20 -14.13 7.84 3.67
CA VAL B 20 -15.56 8.09 3.77
C VAL B 20 -15.90 8.53 5.19
N LEU B 21 -15.49 7.74 6.19
CA LEU B 21 -15.84 8.12 7.56
C LEU B 21 -15.23 9.45 7.95
N LYS B 22 -14.06 9.77 7.41
CA LYS B 22 -13.45 11.06 7.74
C LYS B 22 -14.34 12.21 7.26
N GLN B 23 -15.01 12.04 6.13
CA GLN B 23 -15.92 13.11 5.71
C GLN B 23 -17.08 13.26 6.68
N GLY B 24 -17.61 12.14 7.17
CA GLY B 24 -18.65 12.19 8.19
C GLY B 24 -19.06 10.84 8.71
N ASP B 25 -19.49 10.81 9.98
CA ASP B 25 -20.13 9.62 10.51
C ASP B 25 -21.14 9.11 9.51
N ASN B 26 -21.19 7.79 9.31
CA ASN B 26 -22.08 7.26 8.27
C ASN B 26 -22.50 5.85 8.65
N TYR B 27 -23.45 5.30 7.87
CA TYR B 27 -23.92 3.93 8.02
C TYR B 27 -23.66 3.15 6.74
N VAL B 28 -23.73 1.81 6.84
CA VAL B 28 -23.19 0.94 5.80
C VAL B 28 -23.83 1.22 4.46
N TYR B 29 -25.16 1.18 4.39
CA TYR B 29 -25.80 1.36 3.08
C TYR B 29 -25.44 2.71 2.47
N GLY B 30 -25.41 3.76 3.31
CA GLY B 30 -25.05 5.08 2.79
C GLY B 30 -23.62 5.12 2.28
N ILE B 31 -22.72 4.39 2.95
CA ILE B 31 -21.34 4.31 2.48
C ILE B 31 -21.27 3.56 1.14
N ILE B 32 -22.00 2.46 1.02
CA ILE B 32 -21.97 1.69 -0.22
C ILE B 32 -22.51 2.53 -1.36
N LYS B 33 -23.59 3.27 -1.10
CA LYS B 33 -24.10 4.19 -2.10
C LYS B 33 -23.08 5.27 -2.44
N GLN B 34 -22.48 5.88 -1.43
CA GLN B 34 -21.51 6.94 -1.67
C GLN B 34 -20.34 6.44 -2.52
N VAL B 35 -19.90 5.21 -2.27
CA VAL B 35 -18.73 4.66 -2.96
C VAL B 35 -19.09 4.21 -4.37
N LYS B 36 -20.27 3.62 -4.54
CA LYS B 36 -20.74 3.29 -5.88
C LYS B 36 -20.89 4.55 -6.72
N GLU B 37 -21.44 5.62 -6.14
CA GLU B 37 -21.61 6.87 -6.87
C GLU B 37 -20.26 7.50 -7.18
N ALA B 38 -19.38 7.59 -6.18
CA ALA B 38 -18.05 8.15 -6.40
C ALA B 38 -17.28 7.30 -7.40
N SER B 39 -17.44 5.98 -7.34
CA SER B 39 -16.82 5.10 -8.31
C SER B 39 -17.61 5.06 -9.62
N ASN B 40 -18.62 5.91 -9.77
CA ASN B 40 -19.43 5.91 -10.99
C ASN B 40 -19.78 4.48 -11.38
N GLY B 41 -20.04 3.63 -10.37
CA GLY B 41 -20.54 2.29 -10.60
C GLY B 41 -19.51 1.20 -10.66
N GLU B 42 -18.23 1.51 -10.64
CA GLU B 42 -17.24 0.44 -10.75
C GLU B 42 -17.37 -0.52 -9.58
N MET B 43 -17.36 0.04 -8.38
CA MET B 43 -17.09 -0.71 -7.16
C MET B 43 -18.37 -1.04 -6.41
N GLU B 44 -18.74 -2.30 -6.45
CA GLU B 44 -19.83 -2.85 -5.66
C GLU B 44 -19.18 -3.45 -4.41
N LEU B 45 -19.29 -2.75 -3.29
CA LEU B 45 -18.72 -3.27 -2.07
C LEU B 45 -19.66 -4.32 -1.52
N ASN B 46 -19.11 -5.36 -0.90
CA ASN B 46 -19.95 -6.41 -0.35
C ASN B 46 -20.26 -6.02 1.10
N GLU B 47 -21.54 -5.92 1.40
CA GLU B 47 -21.98 -5.52 2.73
C GLU B 47 -21.32 -6.34 3.82
N ALA B 48 -21.24 -7.67 3.63
CA ALA B 48 -20.58 -8.52 4.62
C ALA B 48 -19.12 -8.11 4.81
N THR B 49 -18.45 -7.73 3.72
CA THR B 49 -17.09 -7.25 3.81
C THR B 49 -17.02 -5.98 4.65
N LEU B 50 -17.97 -5.05 4.43
CA LEU B 50 -17.94 -3.80 5.18
C LEU B 50 -18.20 -4.04 6.66
N TYR B 51 -19.17 -4.88 6.99
CA TYR B 51 -19.40 -5.20 8.40
C TYR B 51 -18.16 -5.83 9.03
N THR B 52 -17.46 -6.71 8.29
CA THR B 52 -16.26 -7.34 8.81
C THR B 52 -15.19 -6.30 9.13
N ILE B 53 -14.92 -5.42 8.17
CA ILE B 53 -13.86 -4.43 8.37
C ILE B 53 -14.23 -3.47 9.49
N PHE B 54 -15.50 -3.07 9.57
CA PHE B 54 -15.89 -2.15 10.63
C PHE B 54 -15.71 -2.82 11.99
N LYS B 55 -15.97 -4.12 12.06
CA LYS B 55 -15.77 -4.87 13.29
C LYS B 55 -14.30 -4.87 13.71
N ARG B 56 -13.41 -5.14 12.75
CA ARG B 56 -11.98 -5.09 13.10
C ARG B 56 -11.56 -3.70 13.54
N LEU B 57 -12.05 -2.65 12.88
CA LEU B 57 -11.64 -1.29 13.23
C LEU B 57 -12.16 -0.88 14.62
N GLU B 58 -13.44 -1.18 14.93
CA GLU B 58 -13.92 -0.91 16.28
C GLU B 58 -13.11 -1.68 17.32
N LYS B 59 -12.78 -2.94 17.02
CA LYS B 59 -11.90 -3.71 17.89
C LYS B 59 -10.60 -2.95 18.15
N ASP B 60 -10.01 -2.38 17.10
CA ASP B 60 -8.79 -1.59 17.23
C ASP B 60 -9.06 -0.13 17.58
N GLY B 61 -10.29 0.20 17.98
CA GLY B 61 -10.55 1.54 18.47
C GLY B 61 -10.20 2.64 17.50
N ILE B 62 -10.16 2.35 16.20
CA ILE B 62 -9.93 3.38 15.21
C ILE B 62 -11.25 4.04 14.83
N ILE B 63 -12.34 3.30 14.92
CA ILE B 63 -13.68 3.85 14.78
C ILE B 63 -14.53 3.37 15.96
N SER B 64 -15.67 4.03 16.12
CA SER B 64 -16.65 3.71 17.15
C SER B 64 -18.02 3.80 16.51
N SER B 65 -19.03 3.32 17.24
CA SER B 65 -20.38 3.22 16.70
C SER B 65 -21.41 3.79 17.65
N TYR B 66 -22.56 4.16 17.07
CA TYR B 66 -23.67 4.66 17.86
C TYR B 66 -24.94 4.54 17.04
N TRP B 67 -26.07 4.74 17.71
CA TRP B 67 -27.38 4.54 17.11
C TRP B 67 -28.01 5.86 16.69
N GLY B 68 -28.79 5.81 15.62
CA GLY B 68 -29.46 6.97 15.06
C GLY B 68 -30.89 6.69 14.63
N ARG B 76 -30.80 3.05 12.89
CA ARG B 76 -29.69 2.89 11.96
C ARG B 76 -28.36 2.97 12.71
N LYS B 77 -27.45 2.02 12.47
CA LYS B 77 -26.16 2.00 13.16
C LYS B 77 -25.15 2.86 12.39
N TYR B 78 -24.75 3.97 13.01
CA TYR B 78 -23.74 4.87 12.47
C TYR B 78 -22.37 4.57 13.05
N TYR B 79 -21.34 4.89 12.25
CA TYR B 79 -19.94 4.68 12.61
C TYR B 79 -19.22 6.01 12.46
N ARG B 80 -18.45 6.39 13.47
CA ARG B 80 -17.65 7.61 13.39
C ARG B 80 -16.19 7.28 13.67
N LEU B 81 -15.32 8.19 13.22
CA LEU B 81 -13.88 8.03 13.35
C LEU B 81 -13.39 8.57 14.70
N THR B 82 -12.69 7.72 15.46
CA THR B 82 -12.10 8.15 16.71
C THR B 82 -10.82 8.95 16.49
N GLU B 83 -10.32 9.56 17.59
CA GLU B 83 -9.03 10.27 17.54
C GLU B 83 -7.91 9.37 17.07
N ILE B 84 -7.86 8.14 17.56
CA ILE B 84 -6.84 7.22 17.10
C ILE B 84 -6.96 7.05 15.60
N GLY B 85 -8.19 7.01 15.08
CA GLY B 85 -8.39 6.90 13.64
C GLY B 85 -7.90 8.11 12.87
N HIS B 86 -8.18 9.31 13.39
CA HIS B 86 -7.75 10.53 12.74
C HIS B 86 -6.23 10.63 12.73
N GLU B 87 -5.60 10.35 13.86
CA GLU B 87 -4.14 10.44 13.93
C GLU B 87 -3.49 9.35 13.08
N ASN B 88 -4.06 8.13 13.07
CA ASN B 88 -3.50 7.04 12.27
C ASN B 88 -3.63 7.31 10.77
N MET B 89 -4.75 7.92 10.33
CA MET B 89 -4.83 8.32 8.91
C MET B 89 -3.80 9.41 8.58
N ARG B 90 -3.55 10.31 9.52
CA ARG B 90 -2.52 11.33 9.29
C ARG B 90 -1.16 10.68 9.14
N LEU B 91 -0.81 9.78 10.05
CA LEU B 91 0.47 9.08 9.97
C LEU B 91 0.57 8.25 8.69
N ALA B 92 -0.51 7.59 8.29
CA ALA B 92 -0.48 6.82 7.05
C ALA B 92 -0.17 7.73 5.88
N PHE B 93 -0.93 8.80 5.72
CA PHE B 93 -0.69 9.70 4.60
C PHE B 93 0.71 10.29 4.59
N GLU B 94 1.20 10.69 5.77
CA GLU B 94 2.53 11.28 5.87
C GLU B 94 3.62 10.26 5.49
N SER B 95 3.64 9.11 6.17
CA SER B 95 4.48 7.98 5.78
C SER B 95 4.48 7.76 4.28
N TRP B 96 3.29 7.62 3.68
CA TRP B 96 3.24 7.29 2.25
C TRP B 96 3.76 8.42 1.36
N SER B 97 3.60 9.69 1.75
CA SER B 97 4.22 10.75 0.96
C SER B 97 5.75 10.67 1.06
N ARG B 98 6.27 10.31 2.24
CA ARG B 98 7.71 10.06 2.38
C ARG B 98 8.16 8.95 1.43
N VAL B 99 7.35 7.89 1.31
CA VAL B 99 7.68 6.79 0.42
C VAL B 99 7.71 7.26 -1.03
N ASP B 100 6.67 8.00 -1.43
CA ASP B 100 6.62 8.50 -2.80
C ASP B 100 7.84 9.35 -3.10
N LYS B 101 8.30 10.13 -2.12
CA LYS B 101 9.51 10.93 -2.31
C LYS B 101 10.74 10.04 -2.46
N ILE B 102 10.88 9.03 -1.60
CA ILE B 102 11.99 8.11 -1.77
C ILE B 102 12.04 7.63 -3.20
N ILE B 103 10.88 7.36 -3.79
CA ILE B 103 10.87 6.74 -5.12
C ILE B 103 11.18 7.76 -6.19
N GLU B 104 10.66 8.97 -6.03
CA GLU B 104 11.10 10.07 -6.87
C GLU B 104 12.62 10.23 -6.81
N ASN B 105 13.20 10.07 -5.62
CA ASN B 105 14.64 10.21 -5.49
C ASN B 105 15.38 9.07 -6.16
N LEU B 106 14.88 7.85 -6.02
CA LEU B 106 15.49 6.72 -6.73
C LEU B 106 15.53 6.99 -8.23
N GLU B 107 14.43 7.52 -8.79
CA GLU B 107 14.41 7.87 -10.21
C GLU B 107 15.48 8.91 -10.54
N ALA B 108 15.52 10.01 -9.78
CA ALA B 108 16.51 11.05 -10.05
C ALA B 108 17.94 10.51 -10.00
N ASN B 109 18.26 9.73 -8.96
CA ASN B 109 19.59 9.14 -8.85
C ASN B 109 19.89 8.22 -10.03
N LYS B 110 18.88 7.45 -10.48
CA LYS B 110 19.05 6.59 -11.64
C LYS B 110 19.42 7.41 -12.88
N LYS B 111 18.72 8.53 -13.10
CA LYS B 111 19.04 9.37 -14.23
C LYS B 111 20.46 9.94 -14.10
N SER B 112 20.84 10.37 -12.90
CA SER B 112 22.20 10.90 -12.67
C SER B 112 23.20 9.75 -12.54
#